data_2GIO
#
_entry.id   2GIO
#
_entity_poly.entity_id   1
_entity_poly.type   'polyribonucleotide'
_entity_poly.pdbx_seq_one_letter_code
;GGCCAUCUUGCUCUUCGGAGGAUUUGGCC
;
_entity_poly.pdbx_strand_id   A
#